data_6YOT
#
_entry.id   6YOT
#
_cell.length_a   57.831
_cell.length_b   72.578
_cell.length_c   107.506
_cell.angle_alpha   90.000
_cell.angle_beta   90.000
_cell.angle_gamma   90.000
#
_symmetry.space_group_name_H-M   'P 21 21 21'
#
loop_
_entity.id
_entity.type
_entity.pdbx_description
1 polymer 'cAMP-dependent protein kinase catalytic subunit alpha'
2 polymer 'cAMP-dependent protein kinase inhibitor alpha'
3 non-polymer ~{N},~{N}-dimethylisoquinoline-5-sulfonamide
4 water water
#
loop_
_entity_poly.entity_id
_entity_poly.type
_entity_poly.pdbx_seq_one_letter_code
_entity_poly.pdbx_strand_id
1 'polypeptide(L)'
;GHMGNAAAAKKG(SEP)EQESVKEFLAKAKEEFLKKWESPSQNTAQLDHFDRIKTLGTGSFGRVMLVKHKETGNHYAMKI
LDKQKVVKLKQIEHTLNEKRILQAVNFPFLVKLEFSFKDNSNLYMVMEYVPGGEMFSHLRRIGRFSEPHARFYAAQIVLT
FEYLHSLDLIYRDLKPENLLIDQQGYIQVTDFGFAKRVKGRTW(TPO)LCGTPEYLAPEIILSKGYNKAVDWWALGVLIY
EMAAGYPPFFADQPIQIYEKIVSGKVRFPSHFSSDLKDLLRNLLQVDLTKRFGNLKNGVNDIKNHKWFATTDWIAIYQRK
VEAPFIPKFKGPGDTSNFDDYEEEEIRV(SEP)INEKCGKEFTEF
;
A
2 'polypeptide(L)' TTYADFIASGRTGRRNAIHD B
#
loop_
_chem_comp.id
_chem_comp.type
_chem_comp.name
_chem_comp.formula
P4W non-polymer ~{N},~{N}-dimethylisoquinoline-5-sulfonamide 'C11 H12 N2 O2 S'
#
# COMPACT_ATOMS: atom_id res chain seq x y z
N GLY A 1 -2.44 -7.97 36.65
CA GLY A 1 -2.52 -7.87 35.20
C GLY A 1 -1.38 -7.10 34.60
N HIS A 2 -1.33 -7.03 33.27
CA HIS A 2 -0.29 -6.23 32.63
C HIS A 2 -0.54 -4.73 32.80
N MET A 3 -1.79 -4.31 32.82
CA MET A 3 -2.11 -2.90 33.00
C MET A 3 -2.77 -2.66 34.34
N GLY A 4 -2.34 -1.58 35.01
CA GLY A 4 -3.05 -1.09 36.16
C GLY A 4 -4.34 -0.42 35.72
N ASN A 5 -5.05 0.16 36.70
CA ASN A 5 -6.41 0.64 36.46
C ASN A 5 -6.44 1.80 35.47
N ALA A 6 -5.52 2.77 35.64
CA ALA A 6 -5.52 3.94 34.76
C ALA A 6 -5.16 3.56 33.34
N ALA A 7 -4.20 2.66 33.17
CA ALA A 7 -3.81 2.23 31.83
C ALA A 7 -4.95 1.50 31.14
N ALA A 8 -5.57 0.56 31.84
CA ALA A 8 -6.62 -0.26 31.23
C ALA A 8 -7.81 0.58 30.83
N ALA A 9 -8.23 1.50 31.71
CA ALA A 9 -9.32 2.41 31.39
C ALA A 9 -8.99 3.29 30.19
N LYS A 10 -7.79 3.89 30.19
CA LYS A 10 -7.36 4.68 29.04
C LYS A 10 -7.37 3.86 27.76
N LYS A 11 -6.85 2.63 27.81
CA LYS A 11 -6.76 1.81 26.61
C LYS A 11 -8.14 1.42 26.08
N GLY A 12 -9.03 1.00 26.96
CA GLY A 12 -10.36 0.62 26.55
C GLY A 12 -11.13 1.76 25.92
N SEP A 13 -11.01 2.94 26.52
CA SEP A 13 -11.65 4.13 26.00
CB SEP A 13 -11.42 5.32 26.93
OG SEP A 13 -11.77 6.50 26.25
C SEP A 13 -11.16 4.48 24.60
O SEP A 13 -11.94 4.84 23.72
P SEP A 13 -12.57 7.51 27.21
O1P SEP A 13 -12.83 8.84 26.37
O2P SEP A 13 -13.98 6.87 27.64
O3P SEP A 13 -11.66 7.79 28.49
N GLU A 14 -9.85 4.40 24.41
CA GLU A 14 -9.27 4.68 23.12
C GLU A 14 -9.81 3.68 22.09
N GLN A 15 -9.90 2.41 22.49
CA GLN A 15 -10.42 1.39 21.57
C GLN A 15 -11.87 1.69 21.18
N GLU A 16 -12.70 2.10 22.14
CA GLU A 16 -14.07 2.47 21.80
C GLU A 16 -14.11 3.74 20.95
N SER A 17 -13.18 4.68 21.17
CA SER A 17 -13.18 5.89 20.36
C SER A 17 -12.81 5.58 18.90
N VAL A 18 -11.91 4.62 18.66
CA VAL A 18 -11.65 4.32 17.25
C VAL A 18 -12.81 3.55 16.64
N LYS A 19 -13.51 2.74 17.44
CA LYS A 19 -14.71 2.08 16.92
C LYS A 19 -15.72 3.14 16.47
N GLU A 20 -15.93 4.16 17.31
CA GLU A 20 -16.79 5.29 16.96
C GLU A 20 -16.33 5.98 15.68
N PHE A 21 -15.01 6.22 15.56
CA PHE A 21 -14.47 6.82 14.35
C PHE A 21 -14.75 5.97 13.11
N LEU A 22 -14.44 4.67 13.19
CA LEU A 22 -14.60 3.79 12.04
C LEU A 22 -16.06 3.68 11.62
N ALA A 23 -16.97 3.66 12.60
CA ALA A 23 -18.39 3.66 12.28
C ALA A 23 -18.77 4.87 11.46
N LYS A 24 -18.32 6.06 11.87
CA LYS A 24 -18.60 7.24 11.08
C LYS A 24 -17.87 7.20 9.73
N ALA A 25 -16.63 6.69 9.73
CA ALA A 25 -15.89 6.59 8.48
C ALA A 25 -16.56 5.62 7.52
N LYS A 26 -17.17 4.55 8.04
CA LYS A 26 -17.86 3.61 7.16
C LYS A 26 -19.08 4.25 6.52
N GLU A 27 -19.80 5.08 7.28
CA GLU A 27 -20.98 5.73 6.70
C GLU A 27 -20.59 6.73 5.62
N GLU A 28 -19.50 7.50 5.84
CA GLU A 28 -19.09 8.48 4.83
C GLU A 28 -18.57 7.78 3.58
N PHE A 29 -17.93 6.62 3.73
CA PHE A 29 -17.44 5.86 2.58
C PHE A 29 -18.61 5.30 1.76
N LEU A 30 -19.58 4.67 2.41
CA LEU A 30 -20.72 4.14 1.68
C LEU A 30 -21.46 5.25 0.94
N LYS A 31 -21.68 6.39 1.60
CA LYS A 31 -22.34 7.51 0.93
C LYS A 31 -21.56 7.95 -0.31
N LYS A 32 -20.22 7.98 -0.22
CA LYS A 32 -19.43 8.33 -1.38
C LYS A 32 -19.39 7.20 -2.39
N TRP A 33 -19.41 5.95 -1.92
CA TRP A 33 -19.36 4.83 -2.84
C TRP A 33 -20.60 4.77 -3.72
N GLU A 34 -21.75 5.15 -3.16
CA GLU A 34 -23.01 5.12 -3.90
C GLU A 34 -23.11 6.25 -4.91
N SER A 35 -22.42 7.38 -4.68
CA SER A 35 -22.54 8.58 -5.52
C SER A 35 -21.14 9.07 -5.88
N PRO A 36 -20.47 8.43 -6.83
CA PRO A 36 -19.05 8.69 -7.07
C PRO A 36 -18.79 9.79 -8.09
N SER A 37 -17.55 10.29 -8.07
CA SER A 37 -17.08 11.36 -8.93
C SER A 37 -16.76 10.84 -10.33
N GLN A 38 -16.76 11.76 -11.30
CA GLN A 38 -16.54 11.39 -12.70
C GLN A 38 -16.30 12.64 -13.53
N ASN A 39 -15.40 12.51 -14.51
CA ASN A 39 -15.17 13.50 -15.57
C ASN A 39 -14.88 14.90 -15.01
N THR A 40 -13.93 14.97 -14.09
CA THR A 40 -13.71 16.18 -13.32
C THR A 40 -12.55 17.04 -13.85
N ALA A 41 -11.97 16.69 -15.00
CA ALA A 41 -10.91 17.51 -15.61
C ALA A 41 -10.69 17.01 -17.04
N GLN A 42 -9.67 17.55 -17.71
CA GLN A 42 -9.35 17.13 -19.07
C GLN A 42 -7.84 17.23 -19.27
N LEU A 43 -7.36 16.55 -20.32
CA LEU A 43 -5.92 16.36 -20.48
C LEU A 43 -5.18 17.69 -20.64
N ASP A 44 -5.72 18.62 -21.42
CA ASP A 44 -4.99 19.86 -21.65
C ASP A 44 -5.05 20.80 -20.45
N HIS A 45 -5.68 20.40 -19.34
CA HIS A 45 -5.55 21.13 -18.08
C HIS A 45 -4.20 20.93 -17.42
N PHE A 46 -3.36 20.02 -17.93
CA PHE A 46 -2.11 19.66 -17.29
C PHE A 46 -0.96 19.73 -18.28
N ASP A 47 0.18 20.23 -17.83
CA ASP A 47 1.44 19.96 -18.51
C ASP A 47 1.98 18.63 -18.01
N ARG A 48 2.40 17.76 -18.93
CA ARG A 48 3.05 16.51 -18.60
C ARG A 48 4.55 16.77 -18.45
N ILE A 49 5.13 16.41 -17.31
CA ILE A 49 6.50 16.79 -16.97
C ILE A 49 7.46 15.61 -17.07
N LYS A 50 7.15 14.49 -16.42
CA LYS A 50 8.07 13.38 -16.39
C LYS A 50 7.32 12.12 -15.97
N THR A 51 7.77 10.97 -16.49
CA THR A 51 7.24 9.69 -16.04
C THR A 51 7.85 9.32 -14.70
N LEU A 52 7.00 9.01 -13.72
CA LEU A 52 7.48 8.63 -12.39
C LEU A 52 7.48 7.12 -12.19
N GLY A 53 6.75 6.39 -13.01
CA GLY A 53 6.65 4.95 -12.86
C GLY A 53 5.90 4.38 -14.03
N THR A 54 6.07 3.07 -14.23
CA THR A 54 5.48 2.36 -15.35
C THR A 54 4.97 1.01 -14.89
N GLY A 55 4.02 0.46 -15.66
CA GLY A 55 3.43 -0.81 -15.36
C GLY A 55 2.80 -1.41 -16.61
N SER A 56 2.18 -2.57 -16.43
CA SER A 56 1.56 -3.26 -17.56
C SER A 56 0.44 -2.44 -18.18
N PHE A 57 -0.33 -1.72 -17.34
CA PHE A 57 -1.50 -1.00 -17.84
C PHE A 57 -1.14 0.34 -18.49
N GLY A 58 -0.11 1.01 -17.98
CA GLY A 58 0.29 2.29 -18.53
C GLY A 58 1.40 2.96 -17.74
N ARG A 59 1.28 4.27 -17.52
CA ARG A 59 2.34 5.04 -16.89
C ARG A 59 1.74 6.01 -15.87
N VAL A 60 2.57 6.37 -14.88
CA VAL A 60 2.26 7.46 -13.96
C VAL A 60 3.22 8.60 -14.26
N MET A 61 2.66 9.79 -14.49
CA MET A 61 3.48 10.95 -14.82
C MET A 61 3.26 12.08 -13.83
N LEU A 62 4.36 12.75 -13.48
CA LEU A 62 4.26 14.05 -12.86
C LEU A 62 3.62 15.01 -13.84
N VAL A 63 2.55 15.66 -13.43
CA VAL A 63 1.93 16.69 -14.25
C VAL A 63 1.79 17.94 -13.42
N LYS A 64 1.59 19.06 -14.10
CA LYS A 64 1.38 20.35 -13.46
C LYS A 64 0.05 20.88 -13.95
N HIS A 65 -0.90 21.05 -13.03
CA HIS A 65 -2.19 21.62 -13.36
C HIS A 65 -1.99 23.08 -13.76
N LYS A 66 -2.37 23.41 -15.01
CA LYS A 66 -2.01 24.70 -15.60
C LYS A 66 -2.60 25.87 -14.82
N GLU A 67 -3.87 25.78 -14.43
CA GLU A 67 -4.52 26.91 -13.79
C GLU A 67 -3.87 27.23 -12.44
N THR A 68 -3.64 26.22 -11.62
CA THR A 68 -3.23 26.41 -10.25
C THR A 68 -1.72 26.30 -10.03
N GLY A 69 -0.97 25.77 -11.00
CA GLY A 69 0.43 25.45 -10.78
C GLY A 69 0.68 24.23 -9.91
N ASN A 70 -0.35 23.55 -9.42
CA ASN A 70 -0.16 22.41 -8.54
C ASN A 70 0.33 21.20 -9.31
N HIS A 71 1.24 20.45 -8.69
CA HIS A 71 1.71 19.20 -9.26
C HIS A 71 0.87 18.03 -8.79
N TYR A 72 0.69 17.06 -9.68
CA TYR A 72 -0.06 15.85 -9.39
C TYR A 72 0.64 14.66 -10.05
N ALA A 73 0.30 13.47 -9.59
CA ALA A 73 0.68 12.26 -10.28
C ALA A 73 -0.51 11.78 -11.10
N MET A 74 -0.34 11.70 -12.41
CA MET A 74 -1.42 11.33 -13.31
C MET A 74 -1.16 9.92 -13.79
N LYS A 75 -2.02 8.98 -13.38
CA LYS A 75 -1.93 7.61 -13.86
C LYS A 75 -2.67 7.55 -15.18
N ILE A 76 -1.97 7.12 -16.23
CA ILE A 76 -2.54 6.98 -17.57
C ILE A 76 -2.66 5.49 -17.86
N LEU A 77 -3.86 5.05 -18.21
CA LEU A 77 -4.13 3.65 -18.53
C LEU A 77 -4.63 3.54 -19.96
N ASP A 78 -3.94 2.74 -20.77
CA ASP A 78 -4.42 2.44 -22.11
C ASP A 78 -5.66 1.55 -22.01
N LYS A 79 -6.80 2.06 -22.50
CA LYS A 79 -8.03 1.28 -22.39
C LYS A 79 -7.87 -0.09 -23.05
N GLN A 80 -7.42 -0.12 -24.31
CA GLN A 80 -7.28 -1.38 -25.02
C GLN A 80 -6.29 -2.30 -24.30
N LYS A 81 -5.19 -1.74 -23.78
CA LYS A 81 -4.29 -2.52 -22.93
C LYS A 81 -5.03 -3.12 -21.74
N VAL A 82 -5.82 -2.29 -21.05
CA VAL A 82 -6.52 -2.73 -19.84
C VAL A 82 -7.45 -3.90 -20.16
N VAL A 83 -8.15 -3.83 -21.29
CA VAL A 83 -9.01 -4.93 -21.70
C VAL A 83 -8.16 -6.19 -21.90
N LYS A 84 -7.19 -6.11 -22.83
CA LYS A 84 -6.37 -7.27 -23.15
C LYS A 84 -5.73 -7.87 -21.91
N LEU A 85 -5.34 -7.03 -20.95
CA LEU A 85 -4.80 -7.53 -19.71
C LEU A 85 -5.90 -7.97 -18.73
N LYS A 86 -7.16 -8.01 -19.18
CA LYS A 86 -8.30 -8.48 -18.38
C LYS A 86 -8.40 -7.72 -17.06
N GLN A 87 -8.23 -6.39 -17.13
CA GLN A 87 -8.21 -5.55 -15.93
C GLN A 87 -9.34 -4.52 -15.90
N ILE A 88 -10.44 -4.77 -16.62
CA ILE A 88 -11.53 -3.80 -16.61
C ILE A 88 -12.08 -3.61 -15.20
N GLU A 89 -12.43 -4.71 -14.55
CA GLU A 89 -13.08 -4.61 -13.24
C GLU A 89 -12.13 -4.05 -12.20
N HIS A 90 -10.86 -4.46 -12.24
CA HIS A 90 -9.89 -3.91 -11.30
C HIS A 90 -9.78 -2.40 -11.45
N THR A 91 -9.65 -1.91 -12.69
CA THR A 91 -9.41 -0.49 -12.87
C THR A 91 -10.62 0.33 -12.45
N LEU A 92 -11.82 -0.10 -12.86
CA LEU A 92 -13.04 0.56 -12.41
C LEU A 92 -13.15 0.52 -10.90
N ASN A 93 -12.86 -0.64 -10.31
CA ASN A 93 -12.93 -0.81 -8.87
C ASN A 93 -11.92 0.09 -8.15
N GLU A 94 -10.67 0.12 -8.63
CA GLU A 94 -9.66 0.97 -8.01
C GLU A 94 -10.12 2.43 -8.00
N LYS A 95 -10.63 2.91 -9.13
CA LYS A 95 -11.05 4.31 -9.19
C LYS A 95 -12.24 4.54 -8.25
N ARG A 96 -13.16 3.58 -8.19
CA ARG A 96 -14.30 3.72 -7.32
C ARG A 96 -13.89 3.74 -5.85
N ILE A 97 -12.94 2.89 -5.48
CA ILE A 97 -12.46 2.91 -4.10
C ILE A 97 -11.72 4.20 -3.81
N LEU A 98 -10.79 4.56 -4.69
CA LEU A 98 -9.97 5.76 -4.49
C LEU A 98 -10.82 7.00 -4.26
N GLN A 99 -11.93 7.13 -4.99
CA GLN A 99 -12.74 8.33 -4.80
C GLN A 99 -13.61 8.24 -3.55
N ALA A 100 -13.77 7.06 -2.97
CA ALA A 100 -14.67 6.89 -1.84
C ALA A 100 -13.95 6.89 -0.49
N VAL A 101 -12.70 6.45 -0.44
CA VAL A 101 -11.99 6.36 0.83
C VAL A 101 -11.46 7.73 1.23
N ASN A 102 -11.14 7.86 2.52
CA ASN A 102 -10.57 9.09 3.05
C ASN A 102 -9.77 8.70 4.30
N PHE A 103 -8.46 8.79 4.21
CA PHE A 103 -7.58 8.47 5.32
C PHE A 103 -6.25 9.17 5.07
N PRO A 104 -5.56 9.60 6.13
CA PRO A 104 -4.34 10.40 5.94
C PRO A 104 -3.21 9.67 5.24
N PHE A 105 -3.21 8.33 5.22
CA PHE A 105 -2.14 7.58 4.59
C PHE A 105 -2.58 6.90 3.30
N LEU A 106 -3.75 7.28 2.78
CA LEU A 106 -4.26 6.80 1.49
C LEU A 106 -4.16 7.95 0.50
N VAL A 107 -3.58 7.68 -0.68
CA VAL A 107 -3.37 8.75 -1.63
C VAL A 107 -4.72 9.27 -2.10
N LYS A 108 -4.83 10.57 -2.27
CA LYS A 108 -6.10 11.19 -2.63
C LYS A 108 -6.20 11.37 -4.14
N LEU A 109 -7.32 10.94 -4.68
CA LEU A 109 -7.64 11.16 -6.09
C LEU A 109 -8.19 12.57 -6.25
N GLU A 110 -7.51 13.40 -7.03
CA GLU A 110 -7.97 14.77 -7.19
C GLU A 110 -8.90 14.94 -8.38
N PHE A 111 -8.60 14.29 -9.50
CA PHE A 111 -9.45 14.34 -10.67
C PHE A 111 -9.38 13.01 -11.37
N SER A 112 -10.37 12.75 -12.21
CA SER A 112 -10.36 11.61 -13.10
C SER A 112 -11.16 11.96 -14.35
N PHE A 113 -10.76 11.38 -15.47
CA PHE A 113 -11.40 11.62 -16.75
C PHE A 113 -10.90 10.57 -17.73
N LYS A 114 -11.52 10.54 -18.90
CA LYS A 114 -11.11 9.61 -19.95
C LYS A 114 -11.26 10.28 -21.31
N ASP A 115 -10.57 9.72 -22.29
CA ASP A 115 -10.72 10.15 -23.68
C ASP A 115 -10.80 8.91 -24.54
N ASN A 116 -10.62 9.08 -25.86
CA ASN A 116 -10.81 7.96 -26.79
C ASN A 116 -9.94 6.76 -26.42
N SER A 117 -8.69 7.01 -26.01
CA SER A 117 -7.73 5.93 -25.86
C SER A 117 -7.41 5.58 -24.42
N ASN A 118 -7.43 6.56 -23.51
CA ASN A 118 -6.87 6.37 -22.18
C ASN A 118 -7.87 6.69 -21.08
N LEU A 119 -7.57 6.17 -19.89
CA LEU A 119 -8.20 6.58 -18.64
C LEU A 119 -7.17 7.34 -17.81
N TYR A 120 -7.62 8.35 -17.07
CA TYR A 120 -6.71 9.21 -16.31
C TYR A 120 -7.16 9.30 -14.87
N MET A 121 -6.28 8.91 -13.95
CA MET A 121 -6.48 9.10 -12.51
C MET A 121 -5.43 10.09 -12.02
N VAL A 122 -5.87 11.28 -11.66
CA VAL A 122 -4.97 12.33 -11.21
C VAL A 122 -4.97 12.36 -9.69
N MET A 123 -3.87 11.89 -9.11
CA MET A 123 -3.67 11.72 -7.67
C MET A 123 -2.74 12.80 -7.16
N GLU A 124 -2.75 13.02 -5.85
CA GLU A 124 -1.72 13.88 -5.27
C GLU A 124 -0.36 13.33 -5.66
N TYR A 125 0.58 14.24 -5.89
CA TYR A 125 1.97 13.87 -6.08
C TYR A 125 2.62 13.66 -4.72
N VAL A 126 3.25 12.50 -4.55
CA VAL A 126 3.90 12.15 -3.28
C VAL A 126 5.39 12.18 -3.57
N PRO A 127 6.09 13.26 -3.23
CA PRO A 127 7.40 13.53 -3.87
C PRO A 127 8.57 12.74 -3.30
N GLY A 128 8.42 12.09 -2.15
CA GLY A 128 9.51 11.39 -1.50
C GLY A 128 9.90 10.06 -2.12
N GLY A 129 9.13 9.55 -3.08
CA GLY A 129 9.51 8.33 -3.76
C GLY A 129 9.01 7.09 -3.05
N GLU A 130 9.35 5.94 -3.61
CA GLU A 130 8.90 4.67 -3.04
C GLU A 130 9.71 4.33 -1.80
N MET A 131 9.02 3.79 -0.79
CA MET A 131 9.73 3.17 0.32
C MET A 131 10.75 2.17 -0.19
N PHE A 132 10.40 1.44 -1.26
CA PHE A 132 11.29 0.46 -1.87
C PHE A 132 12.68 1.04 -2.10
N SER A 133 12.76 2.18 -2.79
N SER A 133 12.76 2.18 -2.81
CA SER A 133 14.06 2.74 -3.17
CA SER A 133 14.05 2.75 -3.18
C SER A 133 14.85 3.17 -1.96
C SER A 133 14.85 3.14 -1.94
N HIS A 134 14.17 3.73 -0.95
CA HIS A 134 14.89 4.13 0.26
C HIS A 134 15.35 2.92 1.04
N LEU A 135 14.54 1.87 1.09
CA LEU A 135 14.89 0.67 1.82
C LEU A 135 16.12 0.01 1.20
N ARG A 136 16.10 -0.20 -0.11
CA ARG A 136 17.26 -0.78 -0.78
C ARG A 136 18.48 0.13 -0.68
N ARG A 137 18.28 1.44 -0.68
N ARG A 137 18.30 1.45 -0.68
CA ARG A 137 19.40 2.37 -0.59
CA ARG A 137 19.45 2.35 -0.59
C ARG A 137 20.02 2.34 0.80
C ARG A 137 20.05 2.31 0.81
N ILE A 138 19.20 2.49 1.84
CA ILE A 138 19.69 2.51 3.20
C ILE A 138 20.14 1.12 3.63
N GLY A 139 19.55 0.09 3.03
CA GLY A 139 19.85 -1.28 3.36
C GLY A 139 18.70 -1.83 4.17
N ARG A 140 18.52 -1.28 5.37
N ARG A 140 18.53 -1.29 5.38
CA ARG A 140 17.42 -1.67 6.22
CA ARG A 140 17.42 -1.67 6.23
C ARG A 140 17.09 -0.50 7.15
C ARG A 140 17.08 -0.48 7.13
N PHE A 141 15.86 -0.50 7.64
CA PHE A 141 15.40 0.50 8.58
C PHE A 141 15.64 0.01 10.00
N SER A 142 16.03 0.93 10.88
CA SER A 142 16.04 0.63 12.30
C SER A 142 14.64 0.23 12.75
N GLU A 143 14.55 -0.48 13.86
CA GLU A 143 13.21 -0.84 14.34
C GLU A 143 12.33 0.37 14.60
N PRO A 144 12.81 1.47 15.24
CA PRO A 144 11.91 2.64 15.35
C PRO A 144 11.45 3.18 14.02
N HIS A 145 12.35 3.19 13.03
CA HIS A 145 12.00 3.67 11.69
C HIS A 145 10.96 2.74 11.05
N ALA A 146 11.22 1.44 11.10
CA ALA A 146 10.25 0.46 10.60
C ALA A 146 8.92 0.54 11.37
N ARG A 147 8.98 0.78 12.68
CA ARG A 147 7.78 0.85 13.50
C ARG A 147 6.91 2.04 13.11
N PHE A 148 7.54 3.19 12.86
CA PHE A 148 6.82 4.37 12.43
C PHE A 148 6.02 4.08 11.17
N TYR A 149 6.64 3.45 10.18
CA TYR A 149 5.90 3.10 8.96
C TYR A 149 4.85 2.04 9.26
N ALA A 150 5.23 1.01 10.03
CA ALA A 150 4.31 -0.09 10.31
C ALA A 150 3.05 0.42 10.98
N ALA A 151 3.22 1.36 11.91
CA ALA A 151 2.07 1.94 12.61
C ALA A 151 1.08 2.54 11.63
N GLN A 152 1.56 3.21 10.59
CA GLN A 152 0.66 3.81 9.63
C GLN A 152 -0.06 2.73 8.83
N ILE A 153 0.66 1.66 8.47
CA ILE A 153 -0.01 0.56 7.77
C ILE A 153 -1.07 -0.07 8.66
N VAL A 154 -0.75 -0.26 9.95
CA VAL A 154 -1.74 -0.83 10.86
C VAL A 154 -2.99 0.04 10.88
N LEU A 155 -2.83 1.35 11.06
CA LEU A 155 -4.01 2.22 11.05
C LEU A 155 -4.75 2.17 9.72
N THR A 156 -3.98 2.09 8.63
CA THR A 156 -4.59 2.12 7.31
C THR A 156 -5.40 0.86 7.07
N PHE A 157 -4.85 -0.30 7.46
CA PHE A 157 -5.58 -1.57 7.33
C PHE A 157 -6.76 -1.61 8.28
N GLU A 158 -6.59 -1.10 9.51
CA GLU A 158 -7.72 -0.99 10.42
C GLU A 158 -8.85 -0.23 9.76
N TYR A 159 -8.52 0.88 9.09
CA TYR A 159 -9.50 1.66 8.37
C TYR A 159 -10.11 0.88 7.22
N LEU A 160 -9.27 0.38 6.31
CA LEU A 160 -9.79 -0.33 5.14
C LEU A 160 -10.64 -1.53 5.55
N HIS A 161 -10.14 -2.33 6.49
CA HIS A 161 -10.90 -3.51 6.92
C HIS A 161 -12.23 -3.10 7.56
N SER A 162 -12.26 -1.97 8.25
CA SER A 162 -13.55 -1.53 8.75
C SER A 162 -14.50 -1.19 7.63
N LEU A 163 -13.99 -0.85 6.45
CA LEU A 163 -14.81 -0.65 5.27
C LEU A 163 -15.07 -1.95 4.51
N ASP A 164 -14.66 -3.09 5.07
CA ASP A 164 -14.70 -4.40 4.42
C ASP A 164 -13.86 -4.44 3.14
N LEU A 165 -12.85 -3.59 3.05
CA LEU A 165 -11.91 -3.62 1.95
C LEU A 165 -10.69 -4.44 2.35
N ILE A 166 -10.40 -5.48 1.59
CA ILE A 166 -9.12 -6.16 1.68
C ILE A 166 -8.18 -5.47 0.72
N TYR A 167 -6.93 -5.25 1.15
CA TYR A 167 -6.00 -4.47 0.34
C TYR A 167 -5.22 -5.36 -0.64
N ARG A 168 -4.51 -6.36 -0.12
CA ARG A 168 -3.96 -7.50 -0.86
C ARG A 168 -2.74 -7.19 -1.72
N ASP A 169 -2.21 -5.98 -1.74
CA ASP A 169 -0.95 -5.77 -2.48
C ASP A 169 -0.02 -4.84 -1.73
N LEU A 170 0.16 -5.12 -0.46
CA LEU A 170 1.13 -4.40 0.35
C LEU A 170 2.54 -4.80 -0.05
N LYS A 171 3.40 -3.81 -0.23
CA LYS A 171 4.83 -4.02 -0.47
C LYS A 171 5.50 -2.64 -0.52
N PRO A 172 6.81 -2.57 -0.24
CA PRO A 172 7.47 -1.25 -0.24
C PRO A 172 7.32 -0.52 -1.56
N GLU A 173 7.19 -1.28 -2.67
CA GLU A 173 7.00 -0.71 -4.00
C GLU A 173 5.75 0.16 -4.08
N ASN A 174 4.75 -0.15 -3.26
CA ASN A 174 3.43 0.47 -3.31
C ASN A 174 3.28 1.61 -2.32
N LEU A 175 4.30 1.85 -1.50
CA LEU A 175 4.22 2.79 -0.40
C LEU A 175 5.16 3.95 -0.71
N LEU A 176 4.59 5.15 -0.83
CA LEU A 176 5.36 6.35 -1.14
C LEU A 176 5.52 7.17 0.12
N ILE A 177 6.61 7.93 0.18
CA ILE A 177 6.94 8.74 1.34
C ILE A 177 6.59 10.17 0.97
N ASP A 178 5.75 10.82 1.77
CA ASP A 178 5.36 12.19 1.43
C ASP A 178 6.39 13.18 1.99
N GLN A 179 6.10 14.47 1.88
CA GLN A 179 7.11 15.45 2.24
C GLN A 179 7.36 15.44 3.74
N GLN A 180 6.37 15.07 4.55
CA GLN A 180 6.59 15.00 5.98
C GLN A 180 7.17 13.67 6.43
N GLY A 181 7.54 12.79 5.49
CA GLY A 181 8.07 11.49 5.84
C GLY A 181 7.04 10.44 6.16
N TYR A 182 5.75 10.76 6.02
CA TYR A 182 4.68 9.80 6.22
C TYR A 182 4.42 9.01 4.96
N ILE A 183 3.69 7.92 5.12
CA ILE A 183 3.39 6.94 4.08
C ILE A 183 2.09 7.27 3.37
N GLN A 184 2.11 7.09 2.05
CA GLN A 184 0.92 7.12 1.22
C GLN A 184 0.77 5.76 0.55
N VAL A 185 -0.34 5.09 0.83
CA VAL A 185 -0.66 3.86 0.11
C VAL A 185 -1.25 4.26 -1.23
N THR A 186 -0.66 3.77 -2.30
CA THR A 186 -1.19 3.85 -3.65
C THR A 186 -1.45 2.44 -4.14
N ASP A 187 -2.17 2.36 -5.25
CA ASP A 187 -2.44 1.12 -5.96
C ASP A 187 -3.51 0.32 -5.23
N PHE A 188 -4.75 0.45 -5.68
CA PHE A 188 -5.85 -0.34 -5.17
C PHE A 188 -6.39 -1.29 -6.23
N GLY A 189 -5.55 -1.68 -7.19
CA GLY A 189 -6.00 -2.55 -8.25
C GLY A 189 -6.39 -3.94 -7.80
N PHE A 190 -5.93 -4.37 -6.64
CA PHE A 190 -6.32 -5.68 -6.11
C PHE A 190 -7.22 -5.59 -4.89
N ALA A 191 -7.55 -4.38 -4.45
CA ALA A 191 -8.42 -4.21 -3.30
C ALA A 191 -9.82 -4.64 -3.66
N LYS A 192 -10.54 -5.20 -2.68
CA LYS A 192 -11.87 -5.73 -2.94
C LYS A 192 -12.73 -5.56 -1.69
N ARG A 193 -14.02 -5.28 -1.91
CA ARG A 193 -14.98 -5.27 -0.81
C ARG A 193 -15.28 -6.72 -0.41
N VAL A 194 -14.77 -7.12 0.74
CA VAL A 194 -14.95 -8.49 1.20
C VAL A 194 -15.30 -8.46 2.67
N LYS A 195 -16.59 -8.62 2.98
CA LYS A 195 -16.96 -8.85 4.38
C LYS A 195 -16.58 -10.25 4.80
N GLY A 196 -16.81 -11.23 3.94
CA GLY A 196 -16.50 -12.61 4.28
C GLY A 196 -15.23 -13.12 3.65
N ARG A 197 -15.36 -13.99 2.66
CA ARG A 197 -14.20 -14.61 2.04
C ARG A 197 -14.11 -14.24 0.56
N THR A 198 -12.91 -14.42 0.01
CA THR A 198 -12.71 -14.24 -1.41
C THR A 198 -11.64 -15.22 -1.85
N TRP A 199 -11.58 -15.49 -3.16
CA TRP A 199 -10.77 -16.60 -3.65
C TRP A 199 -9.70 -16.29 -4.69
N TPO A 200 -9.61 -15.04 -5.13
CA TPO A 200 -8.74 -14.72 -6.25
CB TPO A 200 -8.99 -13.29 -6.75
CG2 TPO A 200 -8.08 -13.05 -7.96
OG1 TPO A 200 -10.37 -13.17 -7.15
P TPO A 200 -11.04 -11.99 -6.25
O1P TPO A 200 -12.60 -12.09 -6.58
O2P TPO A 200 -10.47 -10.66 -6.59
O3P TPO A 200 -10.75 -12.27 -4.70
C TPO A 200 -7.27 -14.89 -5.87
O TPO A 200 -6.86 -14.44 -4.80
N LEU A 201 -6.52 -15.60 -6.71
CA LEU A 201 -5.06 -15.62 -6.60
C LEU A 201 -4.55 -14.32 -7.12
N CYS A 202 -4.02 -13.48 -6.23
CA CYS A 202 -3.48 -12.19 -6.66
C CYS A 202 -2.57 -11.67 -5.56
N GLY A 203 -1.66 -10.80 -5.96
CA GLY A 203 -0.69 -10.25 -5.04
C GLY A 203 0.70 -10.46 -5.57
N THR A 204 1.68 -10.26 -4.70
CA THR A 204 3.08 -10.31 -5.11
C THR A 204 3.71 -11.49 -4.37
N PRO A 205 4.47 -12.35 -5.05
CA PRO A 205 4.82 -13.64 -4.46
C PRO A 205 5.35 -13.58 -3.04
N GLU A 206 6.35 -12.73 -2.79
CA GLU A 206 6.95 -12.62 -1.46
C GLU A 206 5.93 -12.23 -0.40
N TYR A 207 4.83 -11.58 -0.78
CA TYR A 207 3.87 -11.07 0.18
C TYR A 207 2.60 -11.91 0.28
N LEU A 208 2.49 -12.98 -0.50
CA LEU A 208 1.28 -13.81 -0.45
C LEU A 208 1.19 -14.56 0.86
N ALA A 209 0.03 -14.49 1.49
CA ALA A 209 -0.27 -15.32 2.65
C ALA A 209 -0.38 -16.78 2.23
N PRO A 210 -0.11 -17.73 3.14
CA PRO A 210 -0.22 -19.15 2.78
C PRO A 210 -1.58 -19.53 2.24
N GLU A 211 -2.67 -19.00 2.82
CA GLU A 211 -3.98 -19.44 2.39
C GLU A 211 -4.29 -18.99 0.97
N ILE A 212 -3.65 -17.91 0.49
CA ILE A 212 -3.78 -17.57 -0.93
C ILE A 212 -3.04 -18.59 -1.77
N ILE A 213 -1.79 -18.88 -1.42
CA ILE A 213 -1.00 -19.86 -2.16
C ILE A 213 -1.74 -21.19 -2.23
N LEU A 214 -2.40 -21.58 -1.13
CA LEU A 214 -3.04 -22.88 -1.07
C LEU A 214 -4.45 -22.87 -1.64
N SER A 215 -4.83 -21.82 -2.37
CA SER A 215 -6.12 -21.78 -3.08
C SER A 215 -7.30 -21.94 -2.12
N LYS A 216 -7.18 -21.37 -0.94
CA LYS A 216 -8.29 -21.37 0.01
C LYS A 216 -9.15 -20.13 -0.21
N GLY A 217 -10.38 -20.18 0.27
CA GLY A 217 -11.14 -18.96 0.41
C GLY A 217 -10.63 -18.20 1.62
N TYR A 218 -10.07 -17.02 1.40
CA TYR A 218 -9.34 -16.29 2.43
C TYR A 218 -10.05 -14.98 2.78
N ASN A 219 -9.55 -14.33 3.83
CA ASN A 219 -10.19 -13.12 4.31
C ASN A 219 -9.16 -12.01 4.55
N LYS A 220 -9.56 -10.96 5.27
CA LYS A 220 -8.69 -9.81 5.46
C LYS A 220 -7.41 -10.17 6.22
N ALA A 221 -7.35 -11.33 6.87
CA ALA A 221 -6.11 -11.73 7.55
C ALA A 221 -4.93 -11.84 6.60
N VAL A 222 -5.16 -11.90 5.29
CA VAL A 222 -4.01 -11.94 4.37
C VAL A 222 -3.26 -10.62 4.44
N ASP A 223 -3.97 -9.52 4.73
CA ASP A 223 -3.33 -8.22 4.89
C ASP A 223 -2.44 -8.20 6.13
N TRP A 224 -2.85 -8.90 7.20
CA TRP A 224 -2.02 -8.89 8.40
C TRP A 224 -0.77 -9.75 8.20
N TRP A 225 -0.91 -10.87 7.49
CA TRP A 225 0.27 -11.59 7.04
C TRP A 225 1.19 -10.67 6.24
N ALA A 226 0.66 -9.99 5.22
CA ALA A 226 1.48 -9.10 4.42
C ALA A 226 2.14 -8.02 5.28
N LEU A 227 1.42 -7.53 6.29
CA LEU A 227 2.05 -6.58 7.21
C LEU A 227 3.26 -7.19 7.89
N GLY A 228 3.16 -8.46 8.29
CA GLY A 228 4.33 -9.12 8.86
C GLY A 228 5.48 -9.18 7.88
N VAL A 229 5.18 -9.53 6.62
CA VAL A 229 6.22 -9.57 5.58
C VAL A 229 6.85 -8.18 5.44
N LEU A 230 6.02 -7.14 5.44
CA LEU A 230 6.52 -5.77 5.28
C LEU A 230 7.41 -5.37 6.43
N ILE A 231 6.93 -5.63 7.66
CA ILE A 231 7.72 -5.27 8.84
C ILE A 231 9.05 -6.00 8.81
N TYR A 232 9.02 -7.30 8.50
CA TYR A 232 10.26 -8.06 8.40
C TYR A 232 11.19 -7.45 7.35
N GLU A 233 10.65 -7.17 6.16
CA GLU A 233 11.53 -6.65 5.10
C GLU A 233 12.10 -5.29 5.45
N MET A 234 11.26 -4.40 6.00
CA MET A 234 11.73 -3.08 6.41
C MET A 234 12.86 -3.20 7.44
N ALA A 235 12.72 -4.13 8.37
CA ALA A 235 13.68 -4.21 9.47
C ALA A 235 14.88 -5.07 9.12
N ALA A 236 14.74 -6.04 8.22
CA ALA A 236 15.86 -6.88 7.83
C ALA A 236 16.58 -6.40 6.59
N GLY A 237 15.91 -5.62 5.72
CA GLY A 237 16.44 -5.26 4.42
C GLY A 237 16.12 -6.24 3.32
N TYR A 238 15.51 -7.39 3.66
CA TYR A 238 15.09 -8.42 2.72
C TYR A 238 13.87 -9.09 3.30
N PRO A 239 13.02 -9.68 2.47
CA PRO A 239 11.79 -10.28 2.97
C PRO A 239 12.05 -11.65 3.59
N PRO A 240 11.11 -12.15 4.40
CA PRO A 240 11.34 -13.43 5.10
C PRO A 240 11.41 -14.64 4.18
N PHE A 241 10.76 -14.60 3.02
CA PHE A 241 10.70 -15.74 2.12
C PHE A 241 11.11 -15.26 0.74
N PHE A 242 12.26 -15.73 0.28
CA PHE A 242 12.72 -15.40 -1.05
C PHE A 242 13.35 -16.65 -1.66
N ALA A 243 13.45 -16.63 -2.99
CA ALA A 243 14.02 -17.73 -3.75
C ALA A 243 14.10 -17.27 -5.20
N ASP A 244 14.78 -18.07 -6.03
CA ASP A 244 14.94 -17.73 -7.45
C ASP A 244 13.59 -17.59 -8.15
N GLN A 245 12.65 -18.49 -7.87
CA GLN A 245 11.38 -18.54 -8.58
C GLN A 245 10.23 -18.55 -7.59
N PRO A 246 9.10 -17.95 -7.97
CA PRO A 246 7.97 -17.86 -7.03
C PRO A 246 7.53 -19.19 -6.45
N ILE A 247 7.62 -20.30 -7.21
CA ILE A 247 7.18 -21.59 -6.66
C ILE A 247 8.00 -21.96 -5.43
N GLN A 248 9.31 -21.74 -5.47
CA GLN A 248 10.14 -21.99 -4.31
C GLN A 248 9.85 -21.00 -3.18
N ILE A 249 9.51 -19.75 -3.51
CA ILE A 249 9.08 -18.83 -2.45
C ILE A 249 7.84 -19.37 -1.77
N TYR A 250 6.91 -19.91 -2.56
CA TYR A 250 5.65 -20.40 -2.00
C TYR A 250 5.88 -21.56 -1.05
N GLU A 251 6.82 -22.46 -1.39
CA GLU A 251 7.13 -23.57 -0.50
C GLU A 251 7.60 -23.08 0.85
N LYS A 252 8.39 -22.00 0.84
CA LYS A 252 8.85 -21.43 2.10
C LYS A 252 7.71 -20.82 2.89
N ILE A 253 6.82 -20.11 2.21
CA ILE A 253 5.74 -19.39 2.89
C ILE A 253 4.84 -20.37 3.62
N VAL A 254 4.40 -21.43 2.94
CA VAL A 254 3.49 -22.40 3.54
C VAL A 254 4.15 -23.31 4.57
N SER A 255 5.49 -23.36 4.61
CA SER A 255 6.23 -24.27 5.49
C SER A 255 6.04 -24.00 6.98
N GLY A 256 5.54 -22.84 7.36
CA GLY A 256 5.42 -22.53 8.77
C GLY A 256 6.72 -22.16 9.45
N LYS A 257 7.82 -22.04 8.71
CA LYS A 257 9.13 -21.74 9.26
C LYS A 257 9.56 -20.35 8.82
N VAL A 258 10.19 -19.61 9.73
CA VAL A 258 10.72 -18.28 9.42
C VAL A 258 11.94 -18.06 10.32
N ARG A 259 13.00 -17.54 9.74
CA ARG A 259 14.21 -17.20 10.46
C ARG A 259 14.38 -15.68 10.49
N PHE A 260 15.00 -15.19 11.56
CA PHE A 260 15.13 -13.77 11.80
C PHE A 260 16.60 -13.38 11.90
N PRO A 261 16.97 -12.21 11.41
CA PRO A 261 18.32 -11.70 11.65
C PRO A 261 18.58 -11.63 13.14
N SER A 262 19.85 -11.80 13.52
CA SER A 262 20.18 -11.74 14.95
C SER A 262 19.93 -10.35 15.53
N HIS A 263 19.92 -9.30 14.72
CA HIS A 263 19.72 -7.98 15.29
C HIS A 263 18.25 -7.68 15.57
N PHE A 264 17.33 -8.55 15.15
CA PHE A 264 15.92 -8.37 15.48
C PHE A 264 15.71 -8.47 16.98
N SER A 265 14.98 -7.51 17.55
CA SER A 265 14.64 -7.62 18.95
C SER A 265 13.68 -8.78 19.18
N SER A 266 13.61 -9.28 20.41
CA SER A 266 12.66 -10.34 20.68
C SER A 266 11.23 -9.83 20.56
N ASP A 267 10.96 -8.58 20.94
CA ASP A 267 9.64 -8.01 20.72
C ASP A 267 9.27 -8.09 19.25
N LEU A 268 10.18 -7.63 18.38
CA LEU A 268 9.94 -7.71 16.94
C LEU A 268 9.66 -9.15 16.50
N LYS A 269 10.54 -10.08 16.91
CA LYS A 269 10.36 -11.47 16.49
C LYS A 269 9.03 -12.04 16.98
N ASP A 270 8.62 -11.70 18.21
CA ASP A 270 7.34 -12.19 18.70
C ASP A 270 6.18 -11.68 17.85
N LEU A 271 6.21 -10.38 17.52
CA LEU A 271 5.16 -9.83 16.66
C LEU A 271 5.14 -10.55 15.32
N LEU A 272 6.32 -10.76 14.73
CA LEU A 272 6.41 -11.35 13.40
C LEU A 272 5.93 -12.79 13.41
N ARG A 273 6.23 -13.54 14.46
N ARG A 273 6.21 -13.53 14.48
CA ARG A 273 5.75 -14.92 14.53
CA ARG A 273 5.74 -14.91 14.53
C ARG A 273 4.24 -14.97 14.67
C ARG A 273 4.23 -14.95 14.62
N ASN A 274 3.63 -13.93 15.24
CA ASN A 274 2.18 -13.86 15.33
C ASN A 274 1.52 -13.29 14.08
N LEU A 275 2.24 -12.48 13.28
CA LEU A 275 1.68 -12.06 11.99
C LEU A 275 1.93 -13.10 10.90
N LEU A 276 3.15 -13.63 10.84
CA LEU A 276 3.57 -14.64 9.87
C LEU A 276 3.21 -16.02 10.37
N GLN A 277 1.95 -16.14 10.75
CA GLN A 277 1.41 -17.33 11.40
C GLN A 277 0.55 -18.03 10.36
N VAL A 278 0.94 -19.24 10.00
CA VAL A 278 0.24 -19.95 8.93
C VAL A 278 -1.16 -20.36 9.37
N ASP A 279 -1.33 -20.60 10.66
CA ASP A 279 -2.61 -21.02 11.22
C ASP A 279 -3.50 -19.78 11.37
N LEU A 280 -4.54 -19.69 10.54
CA LEU A 280 -5.44 -18.55 10.61
C LEU A 280 -6.08 -18.37 11.98
N THR A 281 -6.24 -19.45 12.73
CA THR A 281 -6.87 -19.33 14.05
C THR A 281 -5.92 -18.77 15.09
N LYS A 282 -4.66 -18.57 14.75
CA LYS A 282 -3.69 -18.01 15.67
C LYS A 282 -3.11 -16.69 15.18
N ARG A 283 -3.42 -16.26 13.95
CA ARG A 283 -2.76 -15.09 13.37
C ARG A 283 -3.30 -13.81 13.97
N PHE A 284 -2.39 -12.95 14.42
CA PHE A 284 -2.77 -11.62 14.91
C PHE A 284 -3.48 -10.84 13.81
N GLY A 285 -4.50 -10.09 14.23
CA GLY A 285 -5.41 -9.41 13.34
C GLY A 285 -6.61 -10.24 12.94
N ASN A 286 -6.58 -11.54 13.19
CA ASN A 286 -7.67 -12.42 12.84
C ASN A 286 -8.33 -13.07 14.06
N LEU A 287 -8.02 -12.60 15.26
CA LEU A 287 -8.58 -13.17 16.47
C LEU A 287 -9.70 -12.29 17.00
N LYS A 288 -10.35 -12.75 18.08
CA LYS A 288 -11.49 -12.01 18.62
C LYS A 288 -11.10 -10.57 18.95
N ASN A 289 -9.88 -10.36 19.44
CA ASN A 289 -9.39 -9.04 19.78
C ASN A 289 -9.03 -8.20 18.55
N GLY A 290 -9.13 -8.78 17.35
CA GLY A 290 -8.94 -8.03 16.12
C GLY A 290 -7.60 -7.32 16.05
N VAL A 291 -7.62 -6.08 15.56
CA VAL A 291 -6.38 -5.32 15.39
C VAL A 291 -5.76 -4.97 16.72
N ASN A 292 -6.51 -5.01 17.82
CA ASN A 292 -5.94 -4.64 19.10
C ASN A 292 -4.82 -5.58 19.51
N ASP A 293 -4.84 -6.83 19.03
CA ASP A 293 -3.70 -7.70 19.30
C ASP A 293 -2.42 -7.09 18.74
N ILE A 294 -2.52 -6.43 17.60
CA ILE A 294 -1.34 -5.81 17.00
C ILE A 294 -1.00 -4.51 17.71
N LYS A 295 -1.99 -3.62 17.86
CA LYS A 295 -1.71 -2.29 18.39
C LYS A 295 -1.24 -2.35 19.83
N ASN A 296 -1.66 -3.36 20.58
CA ASN A 296 -1.23 -3.51 21.95
C ASN A 296 -0.01 -4.41 22.09
N HIS A 297 0.58 -4.85 20.99
CA HIS A 297 1.75 -5.71 21.12
C HIS A 297 2.93 -4.91 21.65
N LYS A 298 3.78 -5.60 22.42
CA LYS A 298 4.94 -4.97 23.05
C LYS A 298 5.81 -4.22 22.06
N TRP A 299 5.96 -4.73 20.85
CA TRP A 299 6.78 -4.01 19.87
C TRP A 299 6.22 -2.62 19.58
N PHE A 300 4.92 -2.42 19.77
CA PHE A 300 4.30 -1.12 19.55
C PHE A 300 4.08 -0.35 20.84
N ALA A 301 4.72 -0.77 21.94
CA ALA A 301 4.47 -0.11 23.23
C ALA A 301 4.76 1.38 23.17
N THR A 302 5.76 1.79 22.39
CA THR A 302 6.11 3.20 22.31
C THR A 302 5.27 3.97 21.30
N THR A 303 4.38 3.30 20.58
CA THR A 303 3.61 3.95 19.52
C THR A 303 2.42 4.70 20.13
N ASP A 304 2.35 6.01 19.87
CA ASP A 304 1.17 6.81 20.19
C ASP A 304 0.26 6.74 18.98
N TRP A 305 -0.73 5.85 19.01
CA TRP A 305 -1.53 5.61 17.82
C TRP A 305 -2.26 6.86 17.39
N ILE A 306 -2.72 7.67 18.35
CA ILE A 306 -3.41 8.89 18.00
C ILE A 306 -2.45 9.88 17.35
N ALA A 307 -1.27 10.06 17.94
CA ALA A 307 -0.31 11.00 17.39
C ALA A 307 0.11 10.58 15.98
N ILE A 308 0.24 9.29 15.73
CA ILE A 308 0.56 8.83 14.38
C ILE A 308 -0.56 9.24 13.44
N TYR A 309 -1.80 8.93 13.81
CA TYR A 309 -2.93 9.24 12.95
C TYR A 309 -3.02 10.74 12.70
N GLN A 310 -2.80 11.56 13.73
CA GLN A 310 -2.82 13.00 13.56
C GLN A 310 -1.57 13.54 12.88
N ARG A 311 -0.61 12.68 12.58
CA ARG A 311 0.64 13.08 11.96
C ARG A 311 1.39 14.09 12.81
N LYS A 312 1.35 13.90 14.13
CA LYS A 312 2.10 14.76 15.03
C LYS A 312 3.42 14.15 15.47
N VAL A 313 3.75 12.96 14.99
CA VAL A 313 5.03 12.34 15.31
C VAL A 313 6.07 12.80 14.29
N GLU A 314 7.22 13.25 14.76
CA GLU A 314 8.28 13.63 13.83
C GLU A 314 8.81 12.37 13.16
N ALA A 315 8.83 12.38 11.83
CA ALA A 315 9.22 11.20 11.09
C ALA A 315 10.71 10.92 11.31
N PRO A 316 11.10 9.64 11.40
CA PRO A 316 12.52 9.34 11.57
C PRO A 316 13.35 9.76 10.37
N PHE A 317 12.74 9.86 9.20
CA PHE A 317 13.44 10.15 7.98
C PHE A 317 12.57 11.05 7.12
N ILE A 318 13.14 12.12 6.61
CA ILE A 318 12.42 13.05 5.76
C ILE A 318 13.15 13.10 4.43
N PRO A 319 12.50 12.79 3.31
CA PRO A 319 13.24 12.67 2.05
C PRO A 319 13.68 14.04 1.56
N LYS A 320 14.74 14.03 0.77
CA LYS A 320 15.22 15.25 0.14
C LYS A 320 14.12 15.85 -0.73
N PHE A 321 13.72 17.08 -0.41
CA PHE A 321 12.70 17.78 -1.17
C PHE A 321 13.24 19.15 -1.57
N LYS A 322 13.37 19.37 -2.88
CA LYS A 322 13.96 20.59 -3.41
C LYS A 322 12.98 21.39 -4.24
N GLY A 323 11.71 21.41 -3.82
N GLY A 323 11.75 21.51 -3.74
CA GLY A 323 10.69 22.11 -4.56
CA GLY A 323 10.74 22.34 -4.37
C GLY A 323 9.48 21.25 -4.89
C GLY A 323 9.69 21.53 -5.07
N PRO A 324 8.38 21.88 -5.32
N PRO A 324 8.58 22.17 -5.42
CA PRO A 324 7.12 21.13 -5.48
CA PRO A 324 7.52 21.46 -6.16
C PRO A 324 7.12 20.19 -6.68
C PRO A 324 8.01 21.05 -7.54
N GLY A 325 7.92 20.45 -7.71
N GLY A 325 7.49 19.91 -8.01
CA GLY A 325 8.02 19.60 -8.87
CA GLY A 325 7.94 19.33 -9.25
C GLY A 325 9.25 18.71 -8.90
C GLY A 325 9.26 18.58 -9.16
N ASP A 326 9.96 18.58 -7.79
N ASP A 326 9.88 18.53 -7.99
CA ASP A 326 11.16 17.76 -7.75
CA ASP A 326 11.12 17.78 -7.83
C ASP A 326 10.79 16.29 -7.96
C ASP A 326 10.83 16.29 -7.95
N THR A 327 11.50 15.63 -8.88
CA THR A 327 11.33 14.19 -9.09
C THR A 327 12.59 13.41 -8.77
N SER A 328 13.50 14.00 -8.00
CA SER A 328 14.80 13.38 -7.80
C SER A 328 14.71 12.06 -7.05
N ASN A 329 13.62 11.85 -6.30
CA ASN A 329 13.38 10.65 -5.53
C ASN A 329 12.76 9.53 -6.35
N PHE A 330 12.54 9.74 -7.65
CA PHE A 330 12.01 8.72 -8.52
C PHE A 330 13.05 8.37 -9.57
N ASP A 331 13.00 7.12 -10.03
CA ASP A 331 13.89 6.68 -11.08
C ASP A 331 13.46 7.30 -12.41
N ASP A 332 14.29 7.09 -13.42
CA ASP A 332 14.08 7.64 -14.74
C ASP A 332 13.51 6.57 -15.66
N TYR A 333 12.57 6.97 -16.50
CA TYR A 333 11.83 6.06 -17.38
C TYR A 333 11.82 6.62 -18.78
N GLU A 334 11.88 5.73 -19.77
CA GLU A 334 11.76 6.15 -21.17
C GLU A 334 10.40 6.83 -21.37
N GLU A 335 10.41 7.98 -22.04
CA GLU A 335 9.22 8.79 -22.20
C GLU A 335 8.53 8.45 -23.52
N GLU A 336 7.29 7.96 -23.44
CA GLU A 336 6.47 7.69 -24.60
C GLU A 336 5.43 8.78 -24.77
N GLU A 337 5.17 9.17 -26.02
CA GLU A 337 4.18 10.21 -26.29
C GLU A 337 2.77 9.70 -26.03
N ILE A 338 1.92 10.60 -25.54
CA ILE A 338 0.51 10.28 -25.30
C ILE A 338 -0.24 10.53 -26.61
N ARG A 339 -0.67 9.44 -27.26
CA ARG A 339 -1.41 9.51 -28.51
C ARG A 339 -2.88 9.21 -28.23
N VAL A 340 -3.75 10.19 -28.48
CA VAL A 340 -5.18 9.98 -28.33
C VAL A 340 -5.78 9.67 -29.70
N SEP A 341 -6.16 8.42 -29.89
CA SEP A 341 -6.73 7.97 -31.15
CB SEP A 341 -7.01 6.47 -31.09
OG SEP A 341 -7.92 6.06 -32.09
C SEP A 341 -8.01 8.75 -31.50
O SEP A 341 -8.68 9.29 -30.63
P SEP A 341 -7.15 5.66 -33.44
O1P SEP A 341 -8.16 4.82 -34.37
O2P SEP A 341 -5.84 4.79 -33.10
O3P SEP A 341 -6.71 7.00 -34.21
N ILE A 342 -8.33 8.82 -32.79
CA ILE A 342 -9.53 9.49 -33.25
C ILE A 342 -10.74 8.60 -33.01
N ASN A 343 -10.50 7.29 -32.99
CA ASN A 343 -11.55 6.31 -32.72
C ASN A 343 -11.63 6.03 -31.23
N GLU A 344 -12.82 6.20 -30.66
CA GLU A 344 -13.04 5.85 -29.26
C GLU A 344 -12.82 4.35 -29.06
N LYS A 345 -11.88 4.00 -28.20
CA LYS A 345 -11.56 2.61 -27.93
C LYS A 345 -12.27 2.18 -26.65
N CYS A 346 -12.93 1.03 -26.71
CA CYS A 346 -13.48 0.37 -25.53
C CYS A 346 -14.44 1.30 -24.76
N GLY A 347 -15.33 1.96 -25.51
CA GLY A 347 -16.29 2.85 -24.87
C GLY A 347 -17.25 2.14 -23.94
N LYS A 348 -17.74 0.97 -24.34
CA LYS A 348 -18.69 0.25 -23.50
C LYS A 348 -18.04 -0.23 -22.21
N GLU A 349 -16.83 -0.77 -22.31
CA GLU A 349 -16.20 -1.40 -21.15
C GLU A 349 -15.95 -0.41 -20.02
N PHE A 350 -15.71 0.86 -20.35
CA PHE A 350 -15.33 1.85 -19.33
C PHE A 350 -16.37 2.96 -19.19
N THR A 351 -17.63 2.65 -19.52
CA THR A 351 -18.69 3.66 -19.47
C THR A 351 -18.77 4.34 -18.11
N GLU A 352 -18.63 3.58 -17.03
CA GLU A 352 -18.82 4.17 -15.71
C GLU A 352 -17.58 4.88 -15.18
N PHE A 353 -16.45 4.76 -15.87
CA PHE A 353 -15.24 5.40 -15.37
C PHE A 353 -15.42 6.90 -15.42
N THR B 1 25.83 -15.60 3.86
CA THR B 1 24.86 -14.98 4.74
C THR B 1 23.47 -15.00 4.14
N THR B 2 22.46 -14.79 4.98
CA THR B 2 21.10 -14.71 4.46
C THR B 2 20.96 -13.56 3.48
N TYR B 3 21.62 -12.44 3.76
CA TYR B 3 21.61 -11.34 2.80
C TYR B 3 22.21 -11.77 1.47
N ALA B 4 23.32 -12.53 1.53
CA ALA B 4 23.93 -13.01 0.30
C ALA B 4 22.97 -13.92 -0.45
N ASP B 5 22.24 -14.79 0.26
CA ASP B 5 21.22 -15.61 -0.39
C ASP B 5 20.14 -14.74 -1.03
N PHE B 6 19.73 -13.68 -0.34
CA PHE B 6 18.77 -12.75 -0.93
C PHE B 6 19.29 -12.17 -2.23
N ILE B 7 20.55 -11.70 -2.22
CA ILE B 7 21.13 -11.21 -3.46
C ILE B 7 21.13 -12.31 -4.52
N ALA B 8 21.52 -13.52 -4.14
CA ALA B 8 21.63 -14.61 -5.12
C ALA B 8 20.28 -15.00 -5.68
N SER B 9 19.20 -14.76 -4.94
CA SER B 9 17.86 -15.01 -5.47
C SER B 9 17.54 -14.20 -6.71
N GLY B 10 18.25 -13.09 -6.94
CA GLY B 10 17.99 -12.21 -8.05
C GLY B 10 16.69 -11.42 -7.97
N ARG B 11 15.93 -11.54 -6.89
CA ARG B 11 14.67 -10.81 -6.77
C ARG B 11 14.82 -9.59 -5.86
N THR B 12 15.89 -8.82 -6.09
CA THR B 12 16.19 -7.65 -5.31
C THR B 12 15.53 -6.39 -5.84
N GLY B 13 15.02 -6.42 -7.07
CA GLY B 13 14.42 -5.25 -7.70
C GLY B 13 12.93 -5.17 -7.44
N ARG B 14 12.28 -4.25 -8.15
CA ARG B 14 10.85 -4.08 -7.98
C ARG B 14 10.13 -5.32 -8.47
N ARG B 15 9.17 -5.79 -7.67
CA ARG B 15 8.52 -7.08 -7.88
C ARG B 15 7.11 -6.86 -8.43
N ASN B 16 6.78 -7.61 -9.47
CA ASN B 16 5.47 -7.51 -10.08
C ASN B 16 4.46 -8.35 -9.31
N ALA B 17 3.20 -7.92 -9.35
CA ALA B 17 2.13 -8.79 -8.92
C ALA B 17 2.07 -10.01 -9.83
N ILE B 18 1.49 -11.10 -9.32
CA ILE B 18 1.37 -12.30 -10.14
C ILE B 18 0.31 -12.08 -11.21
N HIS B 19 0.51 -12.74 -12.36
CA HIS B 19 -0.37 -12.62 -13.53
C HIS B 19 -0.54 -13.96 -14.24
C10 P4W C . 2.91 7.96 -7.81
N P4W C . 5.18 5.42 -8.22
C P4W C . 4.73 4.34 -7.34
O P4W C . 4.78 6.95 -10.09
C1 P4W C . 6.58 5.34 -8.64
C2 P4W C . 2.79 6.68 -8.42
C3 P4W C . 1.61 5.97 -8.37
C4 P4W C . 0.50 6.52 -7.76
C5 P4W C . 0.55 7.76 -7.19
C6 P4W C . 1.75 8.50 -7.18
C7 P4W C . 1.91 9.73 -6.50
C8 P4W C . 4.12 9.88 -7.03
C9 P4W C . 4.11 8.71 -7.71
N1 P4W C . 3.04 10.41 -6.42
O1 P4W C . 3.59 4.79 -10.00
S P4W C . 4.12 5.93 -9.34
C10 P4W D . -7.48 6.82 15.81
N P4W D . -9.67 8.99 17.41
C P4W D . -9.26 8.21 18.58
O P4W D . -9.10 10.39 15.47
C1 P4W D . -11.00 8.66 16.89
C2 P4W D . -8.20 7.96 15.33
C3 P4W D . -8.76 7.95 14.07
C4 P4W D . -8.66 6.84 13.26
C5 P4W D . -8.02 5.72 13.70
C6 P4W D . -7.41 5.68 14.97
C7 P4W D . -6.68 4.56 15.45
C8 P4W D . -6.07 5.64 17.36
C9 P4W D . -6.76 6.77 17.03
N1 P4W D . -6.02 4.54 16.61
O1 P4W D . -7.34 9.69 17.07
S P4W D . -8.53 9.39 16.32
#